data_4UCA
#
_entry.id   4UCA
#
_cell.length_a   33.840
_cell.length_b   71.580
_cell.length_c   177.200
_cell.angle_alpha   90.00
_cell.angle_beta   90.00
_cell.angle_gamma   90.00
#
_symmetry.space_group_name_H-M   'P 21 21 21'
#
loop_
_entity.id
_entity.type
_entity.pdbx_description
1 polymer NUCLEOPROTEIN
2 polymer PHOSPHOSPROTEIN
3 non-polymer 'SULFATE ION'
4 water water
#
loop_
_entity_poly.entity_id
_entity_poly.type
_entity_poly.pdbx_seq_one_letter_code
_entity_poly.pdbx_strand_id
1 'polypeptide(L)'
;MGSDSIDTPNYDVQKHINKLCGMLLITEDANHKFTGLIGMLYAMSRLGREDTIKILRDAGYHVKANGVDVTTHRQDINGK
EMKFEVLTLASLTTEIQINIEIESRKSYKKMLKEMGEVAPEYRHDSPDCGMIILCIAALVITKLAAGDRSGLTAVIRRAN
NVLKNEMKRYKGLLPKDIANSFYEVFEKHPHFIDVFVHFGIAQSSTRGGSRVEGIFAGLFMNAYGLEHHHHHH
;
A,B
2 'polypeptide(L)' EDF C
#
loop_
_chem_comp.id
_chem_comp.type
_chem_comp.name
_chem_comp.formula
SO4 non-polymer 'SULFATE ION' 'O4 S -2'
#
# COMPACT_ATOMS: atom_id res chain seq x y z
N SER A 5 -18.59 21.13 -25.46
CA SER A 5 -17.20 20.94 -25.89
C SER A 5 -16.60 19.66 -25.27
N ILE A 6 -16.42 18.62 -26.10
CA ILE A 6 -15.90 17.31 -25.69
C ILE A 6 -14.57 17.02 -26.34
N ASP A 7 -13.57 16.65 -25.53
CA ASP A 7 -12.24 16.32 -26.05
C ASP A 7 -12.34 14.99 -26.76
N THR A 8 -11.82 14.94 -28.00
CA THR A 8 -11.86 13.71 -28.79
C THR A 8 -10.44 13.36 -29.22
N PRO A 9 -9.68 12.68 -28.30
CA PRO A 9 -8.31 12.31 -28.62
C PRO A 9 -8.23 11.27 -29.72
N ASN A 10 -7.25 11.43 -30.60
CA ASN A 10 -7.05 10.52 -31.69
C ASN A 10 -5.95 9.51 -31.33
N TYR A 11 -5.62 8.59 -32.26
CA TYR A 11 -4.64 7.54 -32.04
C TYR A 11 -3.25 8.07 -31.65
N ASP A 12 -2.89 9.25 -32.17
CA ASP A 12 -1.61 9.90 -31.93
C ASP A 12 -1.31 10.22 -30.47
N VAL A 13 -2.31 10.37 -29.60
CA VAL A 13 -2.04 10.72 -28.19
C VAL A 13 -2.30 9.55 -27.24
N GLN A 14 -2.57 8.35 -27.78
CA GLN A 14 -2.79 7.12 -27.02
C GLN A 14 -1.61 6.81 -26.08
N LYS A 15 -0.35 6.87 -26.58
CA LYS A 15 0.86 6.62 -25.80
C LYS A 15 0.93 7.58 -24.61
N HIS A 16 0.67 8.89 -24.85
CA HIS A 16 0.67 9.93 -23.82
C HIS A 16 -0.33 9.67 -22.74
N ILE A 17 -1.59 9.36 -23.11
CA ILE A 17 -2.67 9.08 -22.16
C ILE A 17 -2.35 7.83 -21.35
N ASN A 18 -1.72 6.81 -21.94
CA ASN A 18 -1.35 5.60 -21.21
C ASN A 18 -0.34 5.94 -20.13
N LYS A 19 0.65 6.84 -20.48
CA LYS A 19 1.71 7.35 -19.58
C LYS A 19 1.08 8.12 -18.41
N LEU A 20 0.03 8.91 -18.69
CA LEU A 20 -0.73 9.65 -17.66
C LEU A 20 -1.41 8.67 -16.70
N CYS A 21 -1.98 7.58 -17.23
CA CYS A 21 -2.57 6.51 -16.42
C CYS A 21 -1.49 5.89 -15.55
N GLY A 22 -0.35 5.58 -16.16
CA GLY A 22 0.79 4.99 -15.45
C GLY A 22 1.37 5.85 -14.35
N MET A 23 1.40 7.19 -14.56
CA MET A 23 1.88 8.16 -13.59
C MET A 23 1.02 8.13 -12.36
N LEU A 24 -0.30 8.02 -12.51
CA LEU A 24 -1.22 7.89 -11.38
C LEU A 24 -1.02 6.52 -10.68
N LEU A 25 -0.86 5.42 -11.46
CA LEU A 25 -0.66 4.07 -10.93
C LEU A 25 0.62 3.91 -10.10
N ILE A 26 1.69 4.67 -10.40
CA ILE A 26 2.91 4.60 -9.61
C ILE A 26 2.87 5.57 -8.40
N THR A 27 1.85 6.45 -8.32
CA THR A 27 1.79 7.44 -7.24
C THR A 27 1.23 6.88 -5.95
N GLU A 28 2.04 6.96 -4.89
CA GLU A 28 1.66 6.58 -3.54
C GLU A 28 0.52 7.51 -3.11
N ASP A 29 -0.60 6.91 -2.67
CA ASP A 29 -1.78 7.64 -2.20
C ASP A 29 -2.22 8.68 -3.24
N ALA A 30 -2.25 8.25 -4.53
CA ALA A 30 -2.63 9.07 -5.68
C ALA A 30 -4.05 9.62 -5.53
N ASN A 31 -4.27 10.88 -5.99
CA ASN A 31 -5.60 11.49 -5.98
C ASN A 31 -6.21 11.07 -7.30
N HIS A 32 -7.21 10.22 -7.21
CA HIS A 32 -7.87 9.65 -8.38
C HIS A 32 -9.10 10.42 -8.85
N LYS A 33 -9.22 11.73 -8.46
CA LYS A 33 -10.33 12.62 -8.85
C LYS A 33 -10.53 12.69 -10.38
N PHE A 34 -9.44 12.62 -11.15
CA PHE A 34 -9.50 12.75 -12.59
C PHE A 34 -9.29 11.46 -13.35
N THR A 35 -9.15 10.33 -12.64
CA THR A 35 -8.85 9.00 -13.24
C THR A 35 -10.00 8.50 -14.12
N GLY A 36 -11.24 8.71 -13.71
CA GLY A 36 -12.40 8.34 -14.49
C GLY A 36 -12.36 9.03 -15.86
N LEU A 37 -12.08 10.35 -15.87
CA LEU A 37 -11.96 11.16 -17.10
C LEU A 37 -10.77 10.69 -17.94
N ILE A 38 -9.60 10.53 -17.31
CA ILE A 38 -8.36 10.11 -17.97
C ILE A 38 -8.53 8.74 -18.59
N GLY A 39 -9.16 7.82 -17.87
CA GLY A 39 -9.44 6.47 -18.37
C GLY A 39 -10.33 6.53 -19.59
N MET A 40 -11.36 7.42 -19.57
CA MET A 40 -12.28 7.64 -20.68
C MET A 40 -11.60 8.25 -21.88
N LEU A 41 -10.62 9.13 -21.63
CA LEU A 41 -9.79 9.73 -22.67
C LEU A 41 -8.96 8.63 -23.32
N TYR A 42 -8.40 7.70 -22.51
CA TYR A 42 -7.64 6.55 -23.02
C TYR A 42 -8.51 5.69 -23.94
N ALA A 43 -9.73 5.36 -23.52
CA ALA A 43 -10.69 4.58 -24.32
C ALA A 43 -10.99 5.25 -25.65
N MET A 44 -11.20 6.59 -25.63
CA MET A 44 -11.47 7.40 -26.81
C MET A 44 -10.27 7.41 -27.77
N SER A 45 -9.03 7.50 -27.24
CA SER A 45 -7.82 7.48 -28.08
C SER A 45 -7.60 6.09 -28.71
N ARG A 46 -8.14 5.03 -28.09
CA ARG A 46 -8.08 3.67 -28.59
C ARG A 46 -9.15 3.50 -29.69
N LEU A 47 -10.33 4.12 -29.52
CA LEU A 47 -11.41 4.07 -30.51
C LEU A 47 -11.08 4.98 -31.71
N GLY A 48 -10.36 6.07 -31.43
CA GLY A 48 -9.99 7.10 -32.40
C GLY A 48 -11.00 8.22 -32.44
N ARG A 49 -10.55 9.42 -32.89
CA ARG A 49 -11.41 10.61 -33.02
C ARG A 49 -12.68 10.37 -33.88
N GLU A 50 -12.50 9.81 -35.09
CA GLU A 50 -13.60 9.54 -36.03
C GLU A 50 -14.69 8.68 -35.44
N ASP A 51 -14.32 7.49 -34.87
CA ASP A 51 -15.27 6.57 -34.25
C ASP A 51 -15.91 7.15 -33.02
N THR A 52 -15.18 7.93 -32.20
CA THR A 52 -15.69 8.56 -30.99
C THR A 52 -16.81 9.51 -31.33
N ILE A 53 -16.58 10.44 -32.29
CA ILE A 53 -17.56 11.45 -32.74
C ILE A 53 -18.78 10.72 -33.32
N LYS A 54 -18.55 9.60 -34.04
CA LYS A 54 -19.58 8.79 -34.66
C LYS A 54 -20.48 8.19 -33.60
N ILE A 55 -19.89 7.62 -32.52
CA ILE A 55 -20.62 6.99 -31.40
C ILE A 55 -21.53 8.03 -30.72
N LEU A 56 -20.99 9.21 -30.38
CA LEU A 56 -21.73 10.28 -29.72
C LEU A 56 -22.86 10.82 -30.58
N ARG A 57 -22.59 11.12 -31.84
CA ARG A 57 -23.63 11.62 -32.77
C ARG A 57 -24.74 10.59 -32.98
N ASP A 58 -24.37 9.28 -33.09
CA ASP A 58 -25.31 8.17 -33.27
C ASP A 58 -26.15 7.97 -32.03
N ALA A 59 -25.57 8.22 -30.86
CA ALA A 59 -26.27 8.09 -29.58
C ALA A 59 -27.18 9.28 -29.30
N GLY A 60 -27.19 10.27 -30.19
CA GLY A 60 -28.04 11.45 -30.10
C GLY A 60 -27.43 12.67 -29.45
N TYR A 61 -26.18 12.55 -28.93
CA TYR A 61 -25.48 13.66 -28.28
C TYR A 61 -25.00 14.70 -29.33
N HIS A 62 -25.05 16.00 -29.00
CA HIS A 62 -24.60 17.09 -29.88
C HIS A 62 -23.12 17.29 -29.50
N VAL A 63 -22.19 17.21 -30.47
CA VAL A 63 -20.77 17.28 -30.07
C VAL A 63 -19.94 18.35 -30.80
N LYS A 64 -19.27 19.19 -30.00
CA LYS A 64 -18.32 20.24 -30.42
C LYS A 64 -16.95 19.60 -30.12
N ALA A 65 -16.38 18.93 -31.12
CA ALA A 65 -15.12 18.22 -30.96
C ALA A 65 -13.90 19.10 -30.79
N ASN A 66 -13.15 18.85 -29.70
CA ASN A 66 -11.90 19.56 -29.38
C ASN A 66 -10.71 18.66 -29.74
N GLY A 67 -9.87 19.15 -30.64
CA GLY A 67 -8.66 18.43 -31.05
C GLY A 67 -7.67 18.29 -29.91
N VAL A 68 -7.08 17.12 -29.74
CA VAL A 68 -6.12 16.89 -28.66
C VAL A 68 -4.70 16.73 -29.23
N ASP A 69 -3.80 17.65 -28.86
CA ASP A 69 -2.40 17.65 -29.31
C ASP A 69 -1.47 17.69 -28.11
N VAL A 70 -0.23 17.26 -28.32
CA VAL A 70 0.82 17.29 -27.30
C VAL A 70 1.56 18.61 -27.45
N THR A 71 1.70 19.35 -26.34
CA THR A 71 2.45 20.60 -26.27
C THR A 71 3.45 20.56 -25.12
N THR A 72 4.59 21.26 -25.30
CA THR A 72 5.64 21.34 -24.30
C THR A 72 5.41 22.60 -23.48
N HIS A 73 5.23 22.41 -22.18
CA HIS A 73 5.01 23.48 -21.23
C HIS A 73 6.21 23.63 -20.31
N ARG A 74 6.73 24.86 -20.22
CA ARG A 74 7.87 25.21 -19.37
C ARG A 74 7.33 25.71 -18.04
N GLN A 75 7.77 25.09 -16.92
CA GLN A 75 7.32 25.48 -15.58
C GLN A 75 8.43 25.33 -14.53
N ASP A 76 8.52 26.29 -13.60
CA ASP A 76 9.50 26.34 -12.52
C ASP A 76 9.07 25.47 -11.33
N ILE A 77 9.83 24.38 -11.07
CA ILE A 77 9.62 23.46 -9.96
C ILE A 77 10.92 23.26 -9.20
N ASN A 78 10.91 23.76 -7.94
CA ASN A 78 11.99 23.79 -6.96
C ASN A 78 13.20 24.61 -7.44
N GLY A 79 12.88 25.77 -8.05
CA GLY A 79 13.85 26.74 -8.56
C GLY A 79 14.35 26.48 -9.96
N LYS A 80 14.34 25.20 -10.40
CA LYS A 80 14.78 24.76 -11.72
C LYS A 80 13.60 24.77 -12.73
N GLU A 81 13.86 25.27 -13.96
CA GLU A 81 12.85 25.27 -15.03
C GLU A 81 12.76 23.86 -15.57
N MET A 82 11.52 23.38 -15.75
CA MET A 82 11.26 22.03 -16.24
C MET A 82 10.34 22.03 -17.44
N LYS A 83 10.57 21.10 -18.38
CA LYS A 83 9.76 20.90 -19.58
C LYS A 83 8.82 19.73 -19.39
N PHE A 84 7.53 20.00 -19.57
CA PHE A 84 6.50 19.00 -19.42
C PHE A 84 5.75 18.82 -20.69
N GLU A 85 5.49 17.57 -21.03
CA GLU A 85 4.69 17.23 -22.20
C GLU A 85 3.25 17.12 -21.70
N VAL A 86 2.37 17.99 -22.19
CA VAL A 86 0.97 18.04 -21.75
C VAL A 86 0.03 17.93 -22.95
N LEU A 87 -1.25 17.58 -22.69
CA LEU A 87 -2.23 17.49 -23.76
C LEU A 87 -3.13 18.69 -23.71
N THR A 88 -3.55 19.17 -24.89
CA THR A 88 -4.45 20.31 -25.00
C THR A 88 -5.85 19.77 -24.75
N LEU A 89 -6.29 19.82 -23.50
CA LEU A 89 -7.59 19.30 -23.08
C LEU A 89 -8.46 20.40 -22.43
N ALA A 90 -9.72 20.51 -22.87
CA ALA A 90 -10.69 21.46 -22.30
C ALA A 90 -11.17 20.99 -20.92
N SER A 91 -11.21 19.67 -20.73
CA SER A 91 -11.65 18.98 -19.51
C SER A 91 -10.57 18.86 -18.41
N LEU A 92 -9.27 19.00 -18.77
CA LEU A 92 -8.15 18.80 -17.86
C LEU A 92 -7.07 19.86 -18.04
N THR A 93 -6.91 20.76 -17.07
CA THR A 93 -5.93 21.87 -17.10
C THR A 93 -4.47 21.42 -17.17
N THR A 94 -3.58 22.31 -17.69
CA THR A 94 -2.12 22.09 -17.79
C THR A 94 -1.56 21.84 -16.38
N GLU A 95 -2.02 22.67 -15.40
CA GLU A 95 -1.67 22.60 -13.98
C GLU A 95 -1.93 21.19 -13.39
N ILE A 96 -3.14 20.61 -13.58
CA ILE A 96 -3.51 19.28 -13.10
C ILE A 96 -2.58 18.23 -13.68
N GLN A 97 -2.36 18.29 -14.99
CA GLN A 97 -1.49 17.33 -15.71
C GLN A 97 -0.05 17.37 -15.20
N ILE A 98 0.49 18.59 -15.00
CA ILE A 98 1.86 18.78 -14.49
C ILE A 98 1.98 18.28 -13.05
N ASN A 99 0.97 18.55 -12.19
CA ASN A 99 0.93 18.07 -10.81
C ASN A 99 0.87 16.56 -10.73
N ILE A 100 0.19 15.90 -11.70
CA ILE A 100 0.18 14.46 -11.76
C ILE A 100 1.63 13.99 -12.03
N GLU A 101 2.34 14.62 -12.99
CA GLU A 101 3.73 14.23 -13.28
C GLU A 101 4.66 14.51 -12.11
N ILE A 102 4.53 15.68 -11.42
CA ILE A 102 5.35 16.04 -10.24
C ILE A 102 5.22 14.99 -9.13
N GLU A 103 3.99 14.69 -8.71
CA GLU A 103 3.70 13.69 -7.69
C GLU A 103 4.23 12.29 -8.06
N SER A 104 4.13 11.88 -9.35
CA SER A 104 4.61 10.58 -9.79
C SER A 104 6.13 10.52 -9.77
N ARG A 105 6.81 11.65 -10.12
CA ARG A 105 8.28 11.74 -10.08
C ARG A 105 8.82 11.61 -8.64
N LYS A 106 8.05 12.11 -7.64
CA LYS A 106 8.33 11.98 -6.19
C LYS A 106 8.27 10.49 -5.80
N SER A 107 7.20 9.79 -6.22
CA SER A 107 7.02 8.36 -5.98
C SER A 107 8.15 7.54 -6.67
N TYR A 108 8.48 7.91 -7.91
CA TYR A 108 9.50 7.24 -8.68
C TYR A 108 10.87 7.32 -8.00
N LYS A 109 11.24 8.50 -7.46
CA LYS A 109 12.52 8.71 -6.76
C LYS A 109 12.59 7.82 -5.51
N LYS A 110 11.44 7.66 -4.80
CA LYS A 110 11.31 6.84 -3.61
C LYS A 110 11.58 5.37 -3.96
N MET A 111 11.08 4.93 -5.14
CA MET A 111 11.25 3.59 -5.69
C MET A 111 12.70 3.34 -5.99
N LEU A 112 13.40 4.33 -6.63
CA LEU A 112 14.83 4.21 -6.97
C LEU A 112 15.64 3.99 -5.71
N LYS A 113 15.35 4.81 -4.68
CA LYS A 113 15.98 4.76 -3.37
C LYS A 113 15.76 3.37 -2.71
N GLU A 114 14.61 2.74 -2.99
CA GLU A 114 14.25 1.45 -2.42
C GLU A 114 14.83 0.23 -3.16
N MET A 115 14.74 0.17 -4.52
CA MET A 115 15.15 -1.01 -5.29
C MET A 115 16.14 -0.76 -6.48
N GLY A 116 16.68 0.45 -6.60
CA GLY A 116 17.53 0.77 -7.73
C GLY A 116 16.64 1.02 -8.94
N GLU A 117 17.18 0.96 -10.18
CA GLU A 117 16.34 1.18 -11.37
C GLU A 117 15.18 0.21 -11.41
N VAL A 118 14.08 0.72 -11.87
CA VAL A 118 12.78 0.09 -11.87
C VAL A 118 12.53 -0.77 -13.13
N ALA A 119 12.05 -2.01 -12.95
CA ALA A 119 11.76 -2.96 -14.04
C ALA A 119 10.62 -2.43 -14.92
N PRO A 120 10.59 -2.76 -16.25
CA PRO A 120 9.55 -2.21 -17.13
C PRO A 120 8.10 -2.25 -16.62
N GLU A 121 7.70 -3.39 -16.04
CA GLU A 121 6.35 -3.66 -15.53
C GLU A 121 5.99 -2.82 -14.27
N TYR A 122 6.96 -2.16 -13.65
CA TYR A 122 6.72 -1.34 -12.46
C TYR A 122 6.75 0.19 -12.78
N ARG A 123 7.03 0.53 -14.03
CA ARG A 123 7.14 1.91 -14.47
C ARG A 123 5.81 2.49 -14.91
N HIS A 124 5.74 3.82 -14.96
CA HIS A 124 4.59 4.62 -15.39
C HIS A 124 4.33 4.50 -16.91
N ASP A 125 5.33 4.08 -17.68
CA ASP A 125 5.20 3.97 -19.12
C ASP A 125 4.99 2.49 -19.63
N SER A 126 4.66 1.53 -18.71
CA SER A 126 4.39 0.15 -19.10
C SER A 126 3.18 0.20 -20.01
N PRO A 127 3.21 -0.51 -21.17
CA PRO A 127 2.11 -0.40 -22.13
C PRO A 127 0.70 -0.78 -21.66
N ASP A 128 0.56 -1.49 -20.54
CA ASP A 128 -0.75 -1.92 -20.07
C ASP A 128 -1.40 -1.03 -18.99
N CYS A 129 -0.80 0.12 -18.63
CA CYS A 129 -1.35 1.03 -17.59
C CYS A 129 -2.77 1.54 -17.88
N GLY A 130 -3.02 2.00 -19.10
CA GLY A 130 -4.34 2.45 -19.50
C GLY A 130 -5.35 1.33 -19.33
N MET A 131 -5.01 0.10 -19.78
CA MET A 131 -5.90 -1.05 -19.67
C MET A 131 -6.16 -1.45 -18.25
N ILE A 132 -5.17 -1.27 -17.35
CA ILE A 132 -5.32 -1.59 -15.93
C ILE A 132 -6.42 -0.67 -15.35
N ILE A 133 -6.42 0.62 -15.73
CA ILE A 133 -7.40 1.60 -15.29
C ILE A 133 -8.77 1.19 -15.84
N LEU A 134 -8.82 0.83 -17.14
CA LEU A 134 -10.08 0.43 -17.77
C LEU A 134 -10.67 -0.88 -17.21
N CYS A 135 -9.86 -1.68 -16.49
CA CYS A 135 -10.33 -2.91 -15.84
C CYS A 135 -11.27 -2.55 -14.71
N ILE A 136 -10.95 -1.45 -13.99
CA ILE A 136 -11.82 -0.95 -12.93
C ILE A 136 -13.14 -0.42 -13.57
N ALA A 137 -13.05 0.34 -14.69
CA ALA A 137 -14.21 0.84 -15.44
C ALA A 137 -15.11 -0.32 -15.85
N ALA A 138 -14.53 -1.48 -16.26
CA ALA A 138 -15.27 -2.72 -16.63
C ALA A 138 -16.06 -3.24 -15.46
N LEU A 139 -15.52 -3.14 -14.25
CA LEU A 139 -16.19 -3.65 -13.05
C LEU A 139 -17.34 -2.74 -12.69
N VAL A 140 -17.14 -1.43 -12.83
CA VAL A 140 -18.13 -0.39 -12.54
C VAL A 140 -19.30 -0.51 -13.51
N ILE A 141 -19.04 -0.73 -14.80
CA ILE A 141 -20.06 -0.87 -15.84
C ILE A 141 -21.01 -2.02 -15.56
N THR A 142 -20.48 -3.13 -15.02
CA THR A 142 -21.25 -4.30 -14.65
C THR A 142 -22.24 -3.97 -13.52
N LYS A 143 -21.77 -3.25 -12.48
CA LYS A 143 -22.59 -2.85 -11.35
C LYS A 143 -23.55 -1.70 -11.65
N LEU A 144 -23.37 -1.00 -12.81
CA LEU A 144 -24.32 0.02 -13.25
C LEU A 144 -25.40 -0.66 -14.09
N ALA A 145 -25.02 -1.79 -14.75
CA ALA A 145 -25.87 -2.67 -15.58
C ALA A 145 -26.73 -3.63 -14.73
N ALA A 146 -26.24 -4.03 -13.53
CA ALA A 146 -26.93 -4.94 -12.62
C ALA A 146 -27.85 -4.24 -11.56
N GLY A 147 -27.89 -2.91 -11.59
CA GLY A 147 -28.67 -2.10 -10.67
C GLY A 147 -27.82 -1.10 -9.92
N SER A 150 -23.94 1.80 -5.01
CA SER A 150 -24.29 0.68 -4.14
C SER A 150 -23.39 -0.58 -4.35
N GLY A 151 -23.04 -0.88 -5.61
CA GLY A 151 -22.19 -2.01 -5.95
C GLY A 151 -20.70 -1.79 -5.75
N LEU A 152 -20.33 -0.69 -5.05
CA LEU A 152 -18.95 -0.28 -4.78
C LEU A 152 -18.16 -1.31 -3.92
N THR A 153 -18.76 -1.87 -2.83
CA THR A 153 -18.09 -2.87 -1.99
C THR A 153 -17.69 -4.11 -2.79
N ALA A 154 -18.56 -4.51 -3.74
CA ALA A 154 -18.37 -5.66 -4.63
C ALA A 154 -17.32 -5.36 -5.67
N VAL A 155 -17.24 -4.10 -6.18
CA VAL A 155 -16.21 -3.70 -7.16
C VAL A 155 -14.80 -3.83 -6.55
N ILE A 156 -14.57 -3.28 -5.35
CA ILE A 156 -13.31 -3.34 -4.60
C ILE A 156 -12.87 -4.79 -4.36
N ARG A 157 -13.78 -5.63 -3.86
CA ARG A 157 -13.46 -7.02 -3.57
C ARG A 157 -13.23 -7.84 -4.82
N ARG A 158 -13.99 -7.59 -5.88
CA ARG A 158 -13.76 -8.29 -7.14
C ARG A 158 -12.41 -7.83 -7.73
N ALA A 159 -12.08 -6.53 -7.61
CA ALA A 159 -10.81 -5.94 -8.10
C ALA A 159 -9.56 -6.48 -7.38
N ASN A 160 -9.61 -6.70 -6.05
CA ASN A 160 -8.44 -7.19 -5.30
C ASN A 160 -8.06 -8.63 -5.68
N ASN A 161 -9.06 -9.42 -6.13
CA ASN A 161 -8.87 -10.79 -6.56
C ASN A 161 -8.41 -10.83 -8.01
N VAL A 162 -9.20 -10.26 -8.94
CA VAL A 162 -8.88 -10.30 -10.36
C VAL A 162 -7.59 -9.48 -10.69
N LEU A 163 -7.34 -8.34 -10.00
CA LEU A 163 -6.16 -7.51 -10.29
C LEU A 163 -5.09 -7.58 -9.20
N LYS A 164 -4.85 -8.78 -8.70
CA LYS A 164 -3.87 -9.09 -7.67
C LYS A 164 -2.43 -8.84 -8.14
N ASN A 165 -2.07 -9.27 -9.37
CA ASN A 165 -0.71 -9.07 -9.90
C ASN A 165 -0.46 -7.59 -10.19
N GLU A 166 -1.47 -6.90 -10.68
CA GLU A 166 -1.39 -5.50 -11.06
C GLU A 166 -1.27 -4.59 -9.83
N MET A 167 -1.98 -4.96 -8.72
CA MET A 167 -1.94 -4.22 -7.45
C MET A 167 -0.57 -4.33 -6.82
N LYS A 168 0.07 -5.49 -7.02
CA LYS A 168 1.42 -5.82 -6.55
C LYS A 168 2.46 -4.95 -7.33
N ARG A 169 2.18 -4.69 -8.62
CA ARG A 169 3.02 -3.87 -9.49
C ARG A 169 2.85 -2.36 -9.23
N TYR A 170 1.62 -1.92 -8.86
CA TYR A 170 1.32 -0.49 -8.74
C TYR A 170 0.72 -0.05 -7.41
N LYS A 171 1.46 0.81 -6.68
CA LYS A 171 1.07 1.42 -5.40
C LYS A 171 -0.22 2.30 -5.52
N GLY A 172 -0.38 2.98 -6.65
CA GLY A 172 -1.53 3.83 -6.93
C GLY A 172 -2.75 3.12 -7.48
N LEU A 173 -2.69 1.77 -7.63
CA LEU A 173 -3.87 0.99 -8.06
C LEU A 173 -4.73 0.80 -6.81
N LEU A 174 -5.59 1.79 -6.56
CA LEU A 174 -6.46 1.88 -5.39
C LEU A 174 -7.89 1.69 -5.92
N PRO A 175 -8.42 0.44 -5.86
CA PRO A 175 -9.73 0.16 -6.44
C PRO A 175 -10.85 1.05 -5.97
N LYS A 176 -10.95 1.35 -4.65
CA LYS A 176 -12.00 2.21 -4.09
C LYS A 176 -12.02 3.59 -4.77
N ASP A 177 -10.86 4.25 -4.86
CA ASP A 177 -10.75 5.58 -5.46
C ASP A 177 -10.99 5.60 -6.94
N ILE A 178 -10.44 4.61 -7.66
CA ILE A 178 -10.61 4.50 -9.12
C ILE A 178 -12.07 4.20 -9.45
N ALA A 179 -12.73 3.24 -8.73
CA ALA A 179 -14.14 2.87 -8.94
C ALA A 179 -15.04 4.06 -8.69
N ASN A 180 -14.78 4.81 -7.60
CA ASN A 180 -15.55 6.02 -7.29
C ASN A 180 -15.41 7.06 -8.42
N SER A 181 -14.17 7.27 -8.95
CA SER A 181 -13.93 8.19 -10.05
C SER A 181 -14.70 7.79 -11.31
N PHE A 182 -14.83 6.48 -11.60
CA PHE A 182 -15.60 6.03 -12.77
C PHE A 182 -17.10 6.19 -12.56
N TYR A 183 -17.58 5.87 -11.34
CA TYR A 183 -18.99 6.04 -10.98
C TYR A 183 -19.36 7.49 -11.18
N GLU A 184 -18.53 8.39 -10.67
CA GLU A 184 -18.66 9.83 -10.78
C GLU A 184 -18.75 10.26 -12.26
N VAL A 185 -17.77 9.85 -13.13
CA VAL A 185 -17.83 10.24 -14.55
C VAL A 185 -19.03 9.69 -15.29
N PHE A 186 -19.43 8.44 -15.05
CA PHE A 186 -20.59 7.89 -15.76
C PHE A 186 -21.90 8.55 -15.33
N GLU A 187 -21.99 9.03 -14.07
CA GLU A 187 -23.14 9.75 -13.54
C GLU A 187 -23.17 11.16 -14.13
N LYS A 188 -22.02 11.87 -14.04
CA LYS A 188 -21.86 13.25 -14.51
C LYS A 188 -21.89 13.36 -16.06
N HIS A 189 -21.27 12.42 -16.78
CA HIS A 189 -21.21 12.40 -18.25
C HIS A 189 -21.69 11.06 -18.81
N PRO A 190 -23.01 10.82 -18.84
CA PRO A 190 -23.54 9.52 -19.34
C PRO A 190 -23.11 9.11 -20.75
N HIS A 191 -22.70 10.06 -21.59
CA HIS A 191 -22.23 9.74 -22.95
C HIS A 191 -20.99 8.88 -22.91
N PHE A 192 -20.24 8.90 -21.80
CA PHE A 192 -19.05 8.07 -21.64
C PHE A 192 -19.41 6.59 -21.52
N ILE A 193 -20.66 6.26 -21.06
CA ILE A 193 -21.13 4.89 -20.96
C ILE A 193 -21.16 4.31 -22.37
N ASP A 194 -21.74 5.04 -23.35
CA ASP A 194 -21.83 4.63 -24.75
C ASP A 194 -20.46 4.42 -25.35
N VAL A 195 -19.52 5.35 -25.07
CA VAL A 195 -18.12 5.29 -25.52
C VAL A 195 -17.43 4.04 -24.94
N PHE A 196 -17.58 3.83 -23.63
CA PHE A 196 -16.96 2.68 -22.98
C PHE A 196 -17.46 1.35 -23.53
N VAL A 197 -18.78 1.22 -23.70
CA VAL A 197 -19.40 -0.01 -24.19
C VAL A 197 -18.91 -0.32 -25.60
N HIS A 198 -18.85 0.68 -26.52
CA HIS A 198 -18.32 0.48 -27.87
C HIS A 198 -16.87 0.09 -27.82
N PHE A 199 -16.08 0.75 -26.91
CA PHE A 199 -14.67 0.41 -26.74
C PHE A 199 -14.54 -1.07 -26.33
N GLY A 200 -15.28 -1.49 -25.29
CA GLY A 200 -15.22 -2.84 -24.74
C GLY A 200 -15.64 -3.91 -25.71
N ILE A 201 -16.70 -3.65 -26.55
CA ILE A 201 -17.16 -4.61 -27.57
C ILE A 201 -16.05 -4.79 -28.61
N ALA A 202 -15.46 -3.66 -29.08
CA ALA A 202 -14.41 -3.66 -30.07
C ALA A 202 -13.17 -4.36 -29.55
N GLN A 203 -12.79 -4.06 -28.28
CA GLN A 203 -11.56 -4.60 -27.67
C GLN A 203 -11.65 -6.10 -27.49
N SER A 204 -12.76 -6.59 -26.91
CA SER A 204 -12.96 -8.00 -26.58
C SER A 204 -13.03 -8.92 -27.80
N SER A 205 -12.96 -8.34 -29.01
CA SER A 205 -12.93 -9.03 -30.28
C SER A 205 -11.47 -9.40 -30.62
N THR A 206 -10.49 -8.47 -30.33
CA THR A 206 -9.05 -8.67 -30.55
C THR A 206 -8.56 -9.99 -29.90
N ARG A 207 -7.75 -10.74 -30.65
CA ARG A 207 -7.20 -12.01 -30.22
C ARG A 207 -5.83 -11.79 -29.56
N GLY A 208 -5.50 -12.66 -28.61
CA GLY A 208 -4.25 -12.63 -27.86
C GLY A 208 -3.95 -11.30 -27.17
N GLY A 209 -2.68 -10.97 -27.18
CA GLY A 209 -2.21 -9.76 -26.52
C GLY A 209 -1.79 -10.02 -25.09
N SER A 210 -1.75 -8.95 -24.31
CA SER A 210 -1.28 -8.97 -22.93
C SER A 210 -2.20 -9.66 -21.91
N ARG A 211 -1.65 -9.90 -20.71
CA ARG A 211 -2.37 -10.47 -19.57
C ARG A 211 -3.53 -9.55 -19.22
N VAL A 212 -3.27 -8.22 -19.11
CA VAL A 212 -4.29 -7.22 -18.76
C VAL A 212 -5.36 -7.07 -19.85
N GLU A 213 -5.00 -7.16 -21.17
CA GLU A 213 -5.99 -7.08 -22.23
C GLU A 213 -6.94 -8.28 -22.09
N GLY A 214 -6.40 -9.42 -21.70
CA GLY A 214 -7.15 -10.64 -21.43
C GLY A 214 -8.06 -10.53 -20.22
N ILE A 215 -7.55 -9.91 -19.13
CA ILE A 215 -8.32 -9.70 -17.90
C ILE A 215 -9.52 -8.77 -18.23
N PHE A 216 -9.25 -7.66 -18.94
CA PHE A 216 -10.29 -6.74 -19.34
C PHE A 216 -11.39 -7.44 -20.15
N ALA A 217 -11.02 -8.23 -21.19
CA ALA A 217 -11.98 -8.95 -22.03
C ALA A 217 -12.91 -9.86 -21.23
N GLY A 218 -12.36 -10.55 -20.22
CA GLY A 218 -13.12 -11.44 -19.35
C GLY A 218 -14.07 -10.65 -18.49
N LEU A 219 -13.58 -9.54 -17.88
CA LEU A 219 -14.37 -8.65 -17.05
C LEU A 219 -15.52 -8.03 -17.83
N PHE A 220 -15.24 -7.56 -19.07
CA PHE A 220 -16.24 -6.94 -19.94
C PHE A 220 -17.33 -7.94 -20.35
N MET A 221 -16.93 -9.16 -20.77
CA MET A 221 -17.86 -10.24 -21.15
C MET A 221 -18.84 -10.62 -20.02
N ASN A 222 -18.41 -10.47 -18.77
CA ASN A 222 -19.17 -10.74 -17.56
C ASN A 222 -20.40 -9.84 -17.35
N ALA A 223 -20.41 -8.63 -17.95
CA ALA A 223 -21.55 -7.68 -17.91
C ALA A 223 -22.82 -8.17 -18.67
N TYR A 224 -22.79 -9.41 -19.17
CA TYR A 224 -23.84 -10.11 -19.90
C TYR A 224 -24.10 -11.50 -19.27
N GLY A 225 -23.03 -12.29 -19.07
CA GLY A 225 -23.06 -13.62 -18.46
C GLY A 225 -21.96 -14.55 -18.94
N ILE B 6 14.40 -18.38 28.31
CA ILE B 6 13.77 -17.48 27.37
C ILE B 6 12.86 -16.51 28.13
N ASP B 7 12.82 -15.20 27.74
CA ASP B 7 11.96 -14.18 28.39
C ASP B 7 10.51 -14.48 28.06
N THR B 8 9.66 -14.53 29.08
CA THR B 8 8.24 -14.85 28.87
C THR B 8 7.40 -13.74 29.46
N PRO B 9 7.19 -12.65 28.68
CA PRO B 9 6.40 -11.52 29.17
C PRO B 9 4.93 -11.90 29.35
N ASN B 10 4.33 -11.39 30.42
CA ASN B 10 2.94 -11.66 30.72
C ASN B 10 2.06 -10.50 30.23
N TYR B 11 0.73 -10.59 30.45
CA TYR B 11 -0.23 -9.58 30.00
C TYR B 11 0.08 -8.17 30.54
N ASP B 12 0.64 -8.08 31.75
CA ASP B 12 1.01 -6.85 32.44
C ASP B 12 2.01 -5.95 31.71
N VAL B 13 2.85 -6.49 30.82
CA VAL B 13 3.84 -5.67 30.11
C VAL B 13 3.50 -5.47 28.64
N GLN B 14 2.31 -5.92 28.21
CA GLN B 14 1.79 -5.77 26.85
C GLN B 14 1.75 -4.30 26.38
N LYS B 15 1.23 -3.39 27.23
CA LYS B 15 1.16 -1.97 26.94
C LYS B 15 2.57 -1.40 26.70
N HIS B 16 3.54 -1.75 27.57
CA HIS B 16 4.94 -1.32 27.45
C HIS B 16 5.56 -1.75 26.15
N ILE B 17 5.41 -3.04 25.79
CA ILE B 17 5.98 -3.59 24.56
C ILE B 17 5.34 -2.93 23.36
N ASN B 18 4.01 -2.66 23.44
CA ASN B 18 3.27 -1.98 22.36
C ASN B 18 3.89 -0.58 22.09
N LYS B 19 4.23 0.17 23.17
CA LYS B 19 4.85 1.50 23.19
C LYS B 19 6.28 1.45 22.60
N LEU B 20 7.04 0.38 22.93
CA LEU B 20 8.39 0.13 22.39
C LEU B 20 8.32 -0.05 20.86
N CYS B 21 7.30 -0.80 20.37
CA CYS B 21 7.06 -0.98 18.94
C CYS B 21 6.76 0.36 18.32
N GLY B 22 5.89 1.14 18.95
CA GLY B 22 5.50 2.48 18.48
C GLY B 22 6.64 3.47 18.42
N MET B 23 7.56 3.40 19.39
CA MET B 23 8.75 4.26 19.45
C MET B 23 9.63 4.02 18.24
N LEU B 24 9.80 2.75 17.83
CA LEU B 24 10.57 2.41 16.64
C LEU B 24 9.81 2.89 15.37
N LEU B 25 8.47 2.73 15.32
CA LEU B 25 7.65 3.13 14.18
C LEU B 25 7.64 4.63 13.92
N ILE B 26 7.80 5.46 14.96
CA ILE B 26 7.86 6.93 14.77
C ILE B 26 9.29 7.40 14.49
N THR B 27 10.31 6.52 14.63
CA THR B 27 11.71 6.92 14.44
C THR B 27 12.12 6.95 12.98
N GLU B 28 12.55 8.15 12.53
CA GLU B 28 13.08 8.36 11.19
C GLU B 28 14.34 7.53 11.06
N ASP B 29 14.42 6.70 10.00
CA ASP B 29 15.57 5.83 9.72
C ASP B 29 15.94 5.00 10.95
N ALA B 30 14.92 4.42 11.62
CA ALA B 30 15.05 3.59 12.81
C ALA B 30 15.97 2.38 12.55
N ASN B 31 16.75 1.97 13.58
CA ASN B 31 17.58 0.77 13.49
C ASN B 31 16.67 -0.36 13.98
N HIS B 32 16.32 -1.23 13.04
CA HIS B 32 15.39 -2.33 13.30
C HIS B 32 16.06 -3.64 13.68
N LYS B 33 17.33 -3.60 14.13
CA LYS B 33 18.10 -4.78 14.54
C LYS B 33 17.38 -5.63 15.61
N PHE B 34 16.63 -4.98 16.51
CA PHE B 34 15.95 -5.67 17.60
C PHE B 34 14.46 -5.79 17.44
N THR B 35 13.90 -5.32 16.30
CA THR B 35 12.46 -5.30 16.03
C THR B 35 11.87 -6.73 15.97
N GLY B 36 12.60 -7.67 15.37
CA GLY B 36 12.17 -9.05 15.29
C GLY B 36 11.92 -9.61 16.70
N LEU B 37 12.89 -9.39 17.62
CA LEU B 37 12.82 -9.83 19.00
C LEU B 37 11.69 -9.11 19.74
N ILE B 38 11.62 -7.77 19.63
CA ILE B 38 10.61 -6.95 20.28
C ILE B 38 9.20 -7.36 19.82
N GLY B 39 9.03 -7.59 18.51
CA GLY B 39 7.77 -8.04 17.94
C GLY B 39 7.36 -9.37 18.53
N MET B 40 8.33 -10.30 18.69
CA MET B 40 8.09 -11.61 19.29
C MET B 40 7.75 -11.54 20.77
N LEU B 41 8.33 -10.57 21.46
CA LEU B 41 8.04 -10.30 22.86
C LEU B 41 6.60 -9.78 22.94
N TYR B 42 6.18 -8.91 21.98
CA TYR B 42 4.79 -8.42 21.93
C TYR B 42 3.81 -9.59 21.77
N ALA B 43 4.09 -10.52 20.82
CA ALA B 43 3.26 -11.71 20.57
C ALA B 43 3.11 -12.54 21.82
N MET B 44 4.22 -12.76 22.56
CA MET B 44 4.26 -13.53 23.81
C MET B 44 3.45 -12.84 24.90
N SER B 45 3.51 -11.50 25.00
CA SER B 45 2.72 -10.76 26.01
C SER B 45 1.23 -10.81 25.70
N ARG B 46 0.87 -11.01 24.42
CA ARG B 46 -0.52 -11.16 23.96
C ARG B 46 -1.02 -12.57 24.27
N LEU B 47 -0.13 -13.57 24.18
CA LEU B 47 -0.47 -14.94 24.52
C LEU B 47 -0.50 -15.10 26.05
N GLY B 48 0.32 -14.31 26.74
CA GLY B 48 0.50 -14.38 28.18
C GLY B 48 1.56 -15.42 28.51
N ARG B 49 2.21 -15.28 29.67
CA ARG B 49 3.25 -16.18 30.15
C ARG B 49 2.84 -17.67 30.19
N GLU B 50 1.67 -18.00 30.75
CA GLU B 50 1.19 -19.36 30.87
C GLU B 50 1.07 -20.08 29.53
N ASP B 51 0.38 -19.48 28.57
CA ASP B 51 0.19 -20.05 27.23
C ASP B 51 1.52 -20.14 26.47
N THR B 52 2.41 -19.14 26.61
CA THR B 52 3.72 -19.12 25.96
C THR B 52 4.54 -20.35 26.38
N ILE B 53 4.67 -20.57 27.71
CA ILE B 53 5.42 -21.70 28.30
C ILE B 53 4.78 -23.02 27.84
N LYS B 54 3.44 -23.05 27.74
CA LYS B 54 2.67 -24.22 27.30
C LYS B 54 2.97 -24.57 25.86
N ILE B 55 3.00 -23.56 24.98
CA ILE B 55 3.31 -23.74 23.55
C ILE B 55 4.71 -24.31 23.38
N LEU B 56 5.68 -23.67 24.06
CA LEU B 56 7.08 -24.04 24.04
C LEU B 56 7.31 -25.47 24.52
N ARG B 57 6.74 -25.87 25.69
CA ARG B 57 6.87 -27.22 26.26
C ARG B 57 6.20 -28.27 25.37
N ASP B 58 5.03 -27.93 24.79
CA ASP B 58 4.27 -28.82 23.91
C ASP B 58 5.00 -29.02 22.60
N ALA B 59 5.74 -27.99 22.11
CA ALA B 59 6.54 -28.05 20.89
C ALA B 59 7.85 -28.81 21.09
N GLY B 60 8.11 -29.27 22.32
CA GLY B 60 9.28 -30.06 22.67
C GLY B 60 10.46 -29.29 23.20
N TYR B 61 10.38 -27.95 23.25
CA TYR B 61 11.47 -27.12 23.75
C TYR B 61 11.53 -27.17 25.30
N HIS B 62 12.74 -27.19 25.88
CA HIS B 62 12.93 -27.17 27.34
C HIS B 62 13.05 -25.68 27.68
N VAL B 63 12.21 -25.14 28.58
CA VAL B 63 12.22 -23.68 28.81
C VAL B 63 12.50 -23.25 30.26
N LYS B 64 13.55 -22.39 30.36
CA LYS B 64 14.36 -21.87 31.45
C LYS B 64 13.83 -22.12 32.89
N ALA B 65 11.96 -20.17 32.08
CA ALA B 65 11.24 -18.92 32.00
C ALA B 65 11.81 -17.76 32.85
N ASN B 66 12.07 -16.61 32.20
CA ASN B 66 12.55 -15.39 32.85
C ASN B 66 11.36 -14.42 32.95
N GLY B 67 11.06 -14.02 34.19
CA GLY B 67 10.00 -13.06 34.48
C GLY B 67 10.35 -11.68 33.93
N VAL B 68 9.37 -11.03 33.30
CA VAL B 68 9.55 -9.71 32.72
C VAL B 68 8.78 -8.66 33.51
N ASP B 69 9.51 -7.72 34.14
CA ASP B 69 8.93 -6.65 34.96
C ASP B 69 9.38 -5.29 34.46
N VAL B 70 8.61 -4.25 34.80
CA VAL B 70 8.93 -2.87 34.44
C VAL B 70 9.70 -2.28 35.60
N THR B 71 10.87 -1.69 35.30
CA THR B 71 11.72 -1.01 36.27
C THR B 71 12.04 0.40 35.78
N THR B 72 12.22 1.33 36.75
CA THR B 72 12.56 2.72 36.46
C THR B 72 14.07 2.85 36.54
N HIS B 73 14.69 3.26 35.44
CA HIS B 73 16.12 3.45 35.34
C HIS B 73 16.45 4.92 35.22
N ARG B 74 17.36 5.39 36.09
CA ARG B 74 17.82 6.77 36.13
C ARG B 74 19.12 6.85 35.31
N GLN B 75 19.16 7.75 34.30
CA GLN B 75 20.32 7.91 33.42
C GLN B 75 20.52 9.36 33.00
N ASP B 76 21.80 9.81 32.97
CA ASP B 76 22.20 11.17 32.59
C ASP B 76 22.29 11.33 31.08
N ILE B 77 21.38 12.16 30.51
CA ILE B 77 21.30 12.48 29.09
C ILE B 77 21.26 13.98 28.93
N ASN B 78 22.34 14.52 28.33
CA ASN B 78 22.63 15.92 28.04
C ASN B 78 22.74 16.76 29.32
N GLY B 79 23.40 16.20 30.33
CA GLY B 79 23.64 16.83 31.63
C GLY B 79 22.55 16.66 32.66
N LYS B 80 21.30 16.48 32.20
CA LYS B 80 20.12 16.31 33.04
C LYS B 80 19.85 14.82 33.32
N GLU B 81 19.49 14.48 34.58
CA GLU B 81 19.14 13.10 34.95
C GLU B 81 17.73 12.84 34.43
N MET B 82 17.54 11.67 33.79
CA MET B 82 16.25 11.28 33.22
C MET B 82 15.80 9.92 33.72
N LYS B 83 14.47 9.76 33.90
CA LYS B 83 13.83 8.53 34.35
C LYS B 83 13.23 7.79 33.16
N PHE B 84 13.64 6.53 32.98
CA PHE B 84 13.17 5.71 31.89
C PHE B 84 12.52 4.47 32.42
N GLU B 85 11.41 4.09 31.80
CA GLU B 85 10.70 2.87 32.13
C GLU B 85 11.25 1.80 31.20
N VAL B 86 11.88 0.77 31.76
CA VAL B 86 12.51 -0.31 30.98
C VAL B 86 12.00 -1.69 31.42
N LEU B 87 12.19 -2.72 30.58
CA LEU B 87 11.78 -4.07 30.93
C LEU B 87 13.00 -4.89 31.30
N THR B 88 12.85 -5.78 32.29
CA THR B 88 13.92 -6.68 32.72
C THR B 88 13.96 -7.85 31.72
N LEU B 89 14.85 -7.73 30.70
CA LEU B 89 14.96 -8.72 29.62
C LEU B 89 16.37 -9.21 29.47
N ALA B 90 16.53 -10.56 29.55
CA ALA B 90 17.84 -11.21 29.39
C ALA B 90 18.33 -10.99 27.94
N SER B 91 17.38 -10.88 27.00
CA SER B 91 17.61 -10.72 25.57
C SER B 91 17.85 -9.27 25.10
N LEU B 92 17.43 -8.27 25.89
CA LEU B 92 17.52 -6.85 25.49
C LEU B 92 18.00 -5.95 26.64
N THR B 93 19.21 -5.37 26.49
CA THR B 93 19.82 -4.50 27.49
C THR B 93 19.04 -3.20 27.79
N THR B 94 19.24 -2.64 28.99
CA THR B 94 18.65 -1.36 29.44
C THR B 94 19.08 -0.24 28.48
N GLU B 95 20.39 -0.25 28.10
CA GLU B 95 21.01 0.70 27.19
C GLU B 95 20.27 0.75 25.83
N ILE B 96 20.02 -0.41 25.19
CA ILE B 96 19.32 -0.51 23.91
C ILE B 96 17.91 0.09 24.03
N GLN B 97 17.17 -0.29 25.08
CA GLN B 97 15.82 0.18 25.33
C GLN B 97 15.76 1.69 25.50
N ILE B 98 16.71 2.25 26.28
CA ILE B 98 16.78 3.71 26.54
C ILE B 98 17.11 4.47 25.25
N ASN B 99 18.05 3.95 24.43
CA ASN B 99 18.44 4.55 23.16
C ASN B 99 17.29 4.54 22.16
N ILE B 100 16.43 3.50 22.21
CA ILE B 100 15.23 3.47 21.39
C ILE B 100 14.33 4.66 21.81
N GLU B 101 14.13 4.88 23.14
CA GLU B 101 13.31 6.00 23.62
C GLU B 101 13.91 7.34 23.27
N ILE B 102 15.26 7.53 23.43
CA ILE B 102 15.95 8.78 23.10
C ILE B 102 15.73 9.18 21.64
N GLU B 103 16.03 8.25 20.71
CA GLU B 103 15.87 8.45 19.26
C GLU B 103 14.42 8.75 18.86
N SER B 104 13.42 8.07 19.49
CA SER B 104 12.02 8.33 19.17
C SER B 104 11.56 9.68 19.68
N ARG B 105 12.08 10.13 20.86
CA ARG B 105 11.76 11.45 21.40
C ARG B 105 12.23 12.56 20.45
N LYS B 106 13.39 12.34 19.76
CA LYS B 106 13.96 13.25 18.75
C LYS B 106 13.00 13.34 17.55
N SER B 107 12.49 12.18 17.05
CA SER B 107 11.55 12.10 15.92
C SER B 107 10.16 12.65 16.27
N TYR B 108 9.76 12.51 17.56
CA TYR B 108 8.50 13.04 18.07
C TYR B 108 8.52 14.54 18.04
N LYS B 109 9.62 15.16 18.54
CA LYS B 109 9.76 16.61 18.61
C LYS B 109 9.73 17.24 17.23
N LYS B 110 10.34 16.57 16.23
CA LYS B 110 10.39 16.98 14.83
C LYS B 110 8.95 17.04 14.28
N MET B 111 8.14 16.02 14.64
CA MET B 111 6.74 15.86 14.25
C MET B 111 5.84 16.93 14.86
N LEU B 112 5.95 17.14 16.19
CA LEU B 112 5.16 18.14 16.93
C LEU B 112 5.41 19.58 16.42
N LYS B 113 6.66 19.91 16.06
CA LYS B 113 7.04 21.23 15.53
C LYS B 113 6.37 21.48 14.17
N GLU B 114 6.55 20.53 13.24
CA GLU B 114 6.05 20.57 11.87
C GLU B 114 4.55 20.76 11.74
N MET B 115 3.76 19.94 12.43
CA MET B 115 2.30 19.96 12.31
C MET B 115 1.53 20.40 13.58
N GLY B 116 2.24 20.85 14.62
CA GLY B 116 1.58 21.17 15.88
C GLY B 116 1.24 19.87 16.59
N GLU B 117 0.13 19.85 17.36
CA GLU B 117 -0.34 18.66 18.09
C GLU B 117 -0.29 17.37 17.24
N VAL B 118 0.36 16.27 17.77
CA VAL B 118 0.42 14.98 17.06
C VAL B 118 -0.88 14.20 17.30
N ALA B 119 -1.58 13.88 16.19
CA ALA B 119 -2.84 13.15 16.18
C ALA B 119 -2.65 11.74 16.72
N PRO B 120 -3.69 11.15 17.39
CA PRO B 120 -3.52 9.81 17.99
C PRO B 120 -2.88 8.72 17.12
N GLU B 121 -3.27 8.66 15.86
CA GLU B 121 -2.82 7.69 14.88
C GLU B 121 -1.34 7.86 14.46
N TYR B 122 -0.71 8.98 14.80
CA TYR B 122 0.69 9.24 14.44
C TYR B 122 1.65 9.09 15.64
N ARG B 123 1.08 8.77 16.83
CA ARG B 123 1.83 8.62 18.07
C ARG B 123 2.41 7.22 18.26
N HIS B 124 3.47 7.13 19.10
CA HIS B 124 4.19 5.91 19.50
C HIS B 124 3.35 5.01 20.41
N ASP B 125 2.30 5.56 21.03
CA ASP B 125 1.45 4.80 21.95
C ASP B 125 0.07 4.39 21.36
N SER B 126 -0.11 4.49 20.01
CA SER B 126 -1.35 4.04 19.38
C SER B 126 -1.52 2.55 19.71
N PRO B 127 -2.73 2.12 20.12
CA PRO B 127 -2.92 0.73 20.52
C PRO B 127 -2.55 -0.32 19.48
N ASP B 128 -2.55 0.07 18.19
CA ASP B 128 -2.26 -0.85 17.10
C ASP B 128 -0.79 -0.94 16.66
N CYS B 129 0.19 -0.31 17.36
CA CYS B 129 1.62 -0.31 16.98
C CYS B 129 2.32 -1.71 16.94
N GLY B 130 2.11 -2.52 17.98
CA GLY B 130 2.63 -3.88 18.05
C GLY B 130 2.11 -4.71 16.90
N MET B 131 0.82 -4.60 16.59
CA MET B 131 0.22 -5.33 15.50
C MET B 131 0.75 -4.95 14.13
N ILE B 132 1.15 -3.67 13.96
CA ILE B 132 1.72 -3.19 12.70
C ILE B 132 3.05 -3.93 12.47
N ILE B 133 3.85 -4.11 13.54
CA ILE B 133 5.12 -4.83 13.49
C ILE B 133 4.85 -6.30 13.15
N LEU B 134 3.86 -6.90 13.83
CA LEU B 134 3.53 -8.30 13.61
C LEU B 134 2.96 -8.58 12.19
N CYS B 135 2.51 -7.53 11.46
CA CYS B 135 2.03 -7.67 10.09
C CYS B 135 3.19 -8.05 9.19
N ILE B 136 4.37 -7.47 9.45
CA ILE B 136 5.57 -7.79 8.68
C ILE B 136 5.97 -9.26 9.01
N ALA B 137 5.91 -9.65 10.33
CA ALA B 137 6.21 -11.03 10.77
C ALA B 137 5.32 -12.01 10.04
N ALA B 138 4.02 -11.67 9.86
CA ALA B 138 3.05 -12.46 9.12
C ALA B 138 3.47 -12.67 7.66
N LEU B 139 4.08 -11.65 7.02
CA LEU B 139 4.53 -11.75 5.63
C LEU B 139 5.78 -12.64 5.51
N VAL B 140 6.73 -12.48 6.44
CA VAL B 140 7.99 -13.25 6.51
C VAL B 140 7.68 -14.74 6.69
N ILE B 141 6.78 -15.05 7.64
CA ILE B 141 6.38 -16.40 8.00
C ILE B 141 5.87 -17.16 6.79
N THR B 142 5.08 -16.49 5.93
CA THR B 142 4.55 -17.05 4.68
C THR B 142 5.69 -17.45 3.76
N LYS B 143 6.71 -16.59 3.63
CA LYS B 143 7.85 -16.86 2.76
C LYS B 143 8.89 -17.83 3.35
N LEU B 144 8.86 -18.06 4.66
CA LEU B 144 9.83 -18.88 5.40
C LEU B 144 9.89 -20.35 4.99
N ALA B 145 8.85 -20.85 4.27
CA ALA B 145 8.76 -22.22 3.77
C ALA B 145 9.98 -22.56 2.89
N ALA B 146 10.46 -21.54 2.13
CA ALA B 146 11.59 -21.59 1.22
C ALA B 146 12.94 -22.04 1.88
N GLY B 147 13.14 -21.66 3.15
CA GLY B 147 14.34 -22.01 3.91
C GLY B 147 15.49 -21.00 3.82
N ASP B 148 15.33 -20.02 2.93
CA ASP B 148 16.29 -18.93 2.72
C ASP B 148 15.57 -17.59 2.80
N ARG B 149 16.29 -16.49 2.52
CA ARG B 149 15.75 -15.14 2.57
C ARG B 149 15.35 -14.63 1.20
N SER B 150 15.12 -15.57 0.27
CA SER B 150 14.76 -15.32 -1.14
C SER B 150 13.47 -14.53 -1.29
N GLY B 151 12.51 -14.79 -0.43
CA GLY B 151 11.21 -14.13 -0.48
C GLY B 151 11.12 -12.72 0.06
N LEU B 152 12.27 -12.11 0.45
CA LEU B 152 12.34 -10.75 1.01
C LEU B 152 11.77 -9.65 0.09
N THR B 153 12.07 -9.70 -1.23
CA THR B 153 11.56 -8.70 -2.18
C THR B 153 10.03 -8.78 -2.31
N ALA B 154 9.47 -9.99 -2.38
CA ALA B 154 8.03 -10.24 -2.40
C ALA B 154 7.39 -9.71 -1.13
N VAL B 155 8.11 -9.81 0.01
CA VAL B 155 7.63 -9.31 1.31
C VAL B 155 7.47 -7.78 1.22
N ILE B 156 8.49 -7.08 0.66
CA ILE B 156 8.50 -5.64 0.49
C ILE B 156 7.36 -5.19 -0.42
N ARG B 157 7.21 -5.83 -1.62
CA ARG B 157 6.15 -5.44 -2.58
C ARG B 157 4.77 -5.70 -2.00
N ARG B 158 4.58 -6.79 -1.24
CA ARG B 158 3.31 -7.06 -0.58
C ARG B 158 3.01 -6.09 0.60
N ALA B 159 4.04 -5.77 1.42
CA ALA B 159 3.91 -4.83 2.55
C ALA B 159 3.52 -3.44 2.04
N ASN B 160 4.29 -2.92 1.05
CA ASN B 160 4.11 -1.61 0.45
C ASN B 160 2.68 -1.40 -0.04
N ASN B 161 1.98 -2.52 -0.32
CA ASN B 161 0.60 -2.54 -0.81
C ASN B 161 -0.43 -2.63 0.31
N VAL B 162 -0.32 -3.67 1.15
CA VAL B 162 -1.29 -3.94 2.22
C VAL B 162 -1.21 -2.92 3.36
N LEU B 163 0.01 -2.45 3.71
CA LEU B 163 0.27 -1.51 4.82
C LEU B 163 0.48 -0.04 4.37
N LYS B 164 -0.22 0.37 3.30
CA LYS B 164 -0.17 1.69 2.71
C LYS B 164 -0.55 2.82 3.68
N ASN B 165 -1.66 2.65 4.44
CA ASN B 165 -2.12 3.64 5.41
C ASN B 165 -1.14 3.71 6.58
N GLU B 166 -0.61 2.58 6.99
CA GLU B 166 0.28 2.48 8.13
C GLU B 166 1.63 3.10 7.84
N MET B 167 2.14 2.92 6.59
CA MET B 167 3.42 3.49 6.14
C MET B 167 3.33 5.00 6.07
N LYS B 168 2.14 5.51 5.73
CA LYS B 168 1.80 6.94 5.65
C LYS B 168 1.82 7.54 7.08
N ARG B 169 1.36 6.75 8.08
CA ARG B 169 1.30 7.15 9.49
C ARG B 169 2.68 7.07 10.18
N TYR B 170 3.52 6.08 9.78
CA TYR B 170 4.80 5.85 10.47
C TYR B 170 6.05 5.85 9.58
N LYS B 171 6.94 6.84 9.84
CA LYS B 171 8.22 6.99 9.14
C LYS B 171 9.17 5.81 9.36
N GLY B 172 9.11 5.19 10.53
CA GLY B 172 9.93 4.02 10.88
C GLY B 172 9.38 2.68 10.41
N LEU B 173 8.23 2.67 9.70
CA LEU B 173 7.69 1.43 9.14
C LEU B 173 8.45 1.19 7.84
N LEU B 174 9.61 0.54 7.97
CA LEU B 174 10.55 0.24 6.90
C LEU B 174 10.49 -1.26 6.66
N PRO B 175 9.63 -1.70 5.72
CA PRO B 175 9.43 -3.14 5.51
C PRO B 175 10.71 -3.97 5.33
N LYS B 176 11.69 -3.49 4.52
CA LYS B 176 12.96 -4.18 4.26
C LYS B 176 13.73 -4.49 5.56
N ASP B 177 13.90 -3.49 6.44
CA ASP B 177 14.60 -3.63 7.71
C ASP B 177 13.85 -4.50 8.69
N ILE B 178 12.52 -4.32 8.79
CA ILE B 178 11.68 -5.09 9.70
C ILE B 178 11.63 -6.55 9.25
N ALA B 179 11.46 -6.84 7.93
CA ALA B 179 11.43 -8.19 7.40
C ALA B 179 12.74 -8.91 7.65
N ASN B 180 13.88 -8.21 7.41
CA ASN B 180 15.21 -8.76 7.69
C ASN B 180 15.35 -9.13 9.17
N SER B 181 14.88 -8.24 10.07
CA SER B 181 14.91 -8.49 11.52
C SER B 181 14.10 -9.73 11.90
N PHE B 182 12.94 -9.97 11.26
CA PHE B 182 12.15 -11.16 11.57
C PHE B 182 12.79 -12.44 11.01
N TYR B 183 13.35 -12.35 9.79
CA TYR B 183 14.05 -13.47 9.15
C TYR B 183 15.17 -13.90 10.09
N GLU B 184 15.94 -12.92 10.59
CA GLU B 184 17.04 -13.11 11.52
C GLU B 184 16.57 -13.82 12.80
N VAL B 185 15.52 -13.30 13.48
CA VAL B 185 15.00 -13.87 14.73
C VAL B 185 14.45 -15.32 14.53
N PHE B 186 13.76 -15.63 13.41
CA PHE B 186 13.24 -16.98 13.17
C PHE B 186 14.34 -17.99 12.86
N GLU B 187 15.44 -17.52 12.24
CA GLU B 187 16.62 -18.34 11.90
C GLU B 187 17.38 -18.64 13.17
N LYS B 188 17.70 -17.58 13.94
CA LYS B 188 18.47 -17.64 15.19
C LYS B 188 17.67 -18.35 16.34
N HIS B 189 16.36 -18.09 16.47
CA HIS B 189 15.50 -18.67 17.52
C HIS B 189 14.26 -19.35 16.94
N PRO B 190 14.42 -20.55 16.34
CA PRO B 190 13.25 -21.24 15.73
C PRO B 190 12.01 -21.47 16.62
N HIS B 191 12.17 -21.48 17.99
CA HIS B 191 11.05 -21.62 18.94
C HIS B 191 10.05 -20.46 18.79
N PHE B 192 10.49 -19.31 18.18
CA PHE B 192 9.62 -18.15 17.91
C PHE B 192 8.64 -18.41 16.81
N ILE B 193 8.98 -19.33 15.87
CA ILE B 193 8.09 -19.71 14.77
C ILE B 193 6.83 -20.32 15.37
N ASP B 194 6.99 -21.25 16.32
CA ASP B 194 5.88 -21.93 17.00
C ASP B 194 5.01 -20.96 17.78
N VAL B 195 5.66 -20.03 18.49
CA VAL B 195 5.00 -18.96 19.25
C VAL B 195 4.18 -18.07 18.30
N PHE B 196 4.80 -17.62 17.20
CA PHE B 196 4.11 -16.78 16.24
C PHE B 196 2.89 -17.44 15.64
N VAL B 197 3.02 -18.70 15.20
CA VAL B 197 1.95 -19.44 14.57
C VAL B 197 0.77 -19.59 15.50
N HIS B 198 1.01 -19.96 16.79
CA HIS B 198 -0.07 -20.08 17.79
C HIS B 198 -0.69 -18.74 18.06
N PHE B 199 0.14 -17.65 18.11
CA PHE B 199 -0.37 -16.31 18.31
C PHE B 199 -1.33 -15.98 17.17
N GLY B 200 -0.88 -16.23 15.93
CA GLY B 200 -1.62 -15.92 14.72
C GLY B 200 -2.95 -16.61 14.66
N ILE B 201 -2.98 -17.93 14.96
CA ILE B 201 -4.19 -18.76 14.96
C ILE B 201 -5.20 -18.21 15.99
N ALA B 202 -4.70 -17.90 17.20
CA ALA B 202 -5.51 -17.39 18.29
C ALA B 202 -6.04 -16.00 17.96
N GLN B 203 -5.20 -15.16 17.36
N GLN B 203 -5.19 -15.14 17.37
CA GLN B 203 -5.55 -13.80 17.04
CA GLN B 203 -5.58 -13.77 17.03
C GLN B 203 -6.63 -13.75 15.97
C GLN B 203 -6.66 -13.76 15.98
N SER B 204 -6.44 -14.46 14.86
CA SER B 204 -7.34 -14.48 13.68
C SER B 204 -8.73 -15.00 13.99
N SER B 205 -8.96 -15.43 15.25
CA SER B 205 -10.24 -15.87 15.76
C SER B 205 -11.05 -14.65 16.25
N THR B 206 -10.38 -13.70 16.97
CA THR B 206 -10.98 -12.46 17.48
C THR B 206 -11.64 -11.61 16.34
N ARG B 207 -12.70 -10.84 16.66
CA ARG B 207 -13.35 -9.98 15.65
C ARG B 207 -13.59 -8.60 16.27
N GLY B 208 -12.71 -7.65 15.96
CA GLY B 208 -12.72 -6.31 16.54
C GLY B 208 -12.48 -5.19 15.57
N GLY B 209 -12.80 -3.98 16.04
CA GLY B 209 -12.77 -2.74 15.28
C GLY B 209 -11.44 -2.20 14.82
N SER B 210 -10.34 -2.87 15.11
CA SER B 210 -9.03 -2.33 14.69
C SER B 210 -8.74 -2.69 13.27
N ARG B 211 -8.36 -1.70 12.46
CA ARG B 211 -8.01 -1.90 11.04
C ARG B 211 -6.84 -2.86 10.87
N VAL B 212 -5.78 -2.63 11.67
CA VAL B 212 -4.54 -3.39 11.66
C VAL B 212 -4.76 -4.82 12.12
N GLU B 213 -5.66 -5.07 13.13
CA GLU B 213 -5.95 -6.46 13.56
C GLU B 213 -6.58 -7.21 12.38
N GLY B 214 -7.40 -6.51 11.58
CA GLY B 214 -8.02 -7.06 10.39
C GLY B 214 -7.03 -7.34 9.27
N ILE B 215 -6.06 -6.43 9.08
CA ILE B 215 -5.01 -6.60 8.07
C ILE B 215 -4.16 -7.81 8.47
N PHE B 216 -3.74 -7.90 9.75
CA PHE B 216 -2.97 -9.03 10.24
C PHE B 216 -3.69 -10.37 9.98
N ALA B 217 -4.99 -10.47 10.32
CA ALA B 217 -5.76 -11.70 10.13
C ALA B 217 -5.77 -12.17 8.67
N GLY B 218 -5.89 -11.24 7.74
CA GLY B 218 -5.86 -11.52 6.31
C GLY B 218 -4.49 -12.00 5.87
N LEU B 219 -3.44 -11.31 6.34
CA LEU B 219 -2.05 -11.65 6.07
C LEU B 219 -1.67 -13.02 6.61
N PHE B 220 -2.09 -13.32 7.84
CA PHE B 220 -1.83 -14.61 8.47
C PHE B 220 -2.55 -15.77 7.72
N MET B 221 -3.83 -15.59 7.36
CA MET B 221 -4.60 -16.58 6.60
C MET B 221 -3.95 -16.92 5.24
N ASN B 222 -3.25 -15.96 4.65
CA ASN B 222 -2.56 -16.08 3.36
C ASN B 222 -1.39 -17.04 3.34
N ALA B 223 -0.77 -17.29 4.48
CA ALA B 223 0.34 -18.23 4.53
C ALA B 223 -0.05 -19.70 4.19
N TYR B 224 -1.36 -19.99 4.14
CA TYR B 224 -1.99 -21.27 3.78
C TYR B 224 -2.56 -21.20 2.33
N GLY B 225 -3.40 -20.19 2.03
CA GLY B 225 -4.00 -19.95 0.71
C GLY B 225 -5.30 -19.18 0.78
N PHE C 3 10.63 9.30 -17.41
CA PHE C 3 11.74 9.40 -16.45
C PHE C 3 12.37 8.02 -16.18
S SO4 D . 2.26 -9.60 -20.81
O1 SO4 D . 1.98 -9.62 -19.37
O2 SO4 D . 1.50 -10.72 -21.39
O3 SO4 D . 1.91 -8.31 -21.41
O4 SO4 D . 3.69 -9.81 -21.02
S SO4 E . 5.24 28.06 -21.99
O1 SO4 E . 3.87 28.18 -21.44
O2 SO4 E . 5.62 26.66 -22.08
O3 SO4 E . 5.32 28.63 -23.36
O4 SO4 E . 6.19 28.74 -21.09
S SO4 F . 3.24 -12.74 -3.59
O1 SO4 F . 2.79 -11.35 -3.49
O2 SO4 F . 3.37 -13.11 -4.99
O3 SO4 F . 4.54 -12.88 -2.94
O4 SO4 F . 2.27 -13.59 -2.91
#